data_4FN9
#
_entry.id   4FN9
#
_cell.length_a   53.472
_cell.length_b   112.108
_cell.length_c   132.846
_cell.angle_alpha   90.00
_cell.angle_beta   90.00
_cell.angle_gamma   90.00
#
_symmetry.space_group_name_H-M   'P 21 21 21'
#
loop_
_entity.id
_entity.type
_entity.pdbx_description
1 polymer 'Steroid receptor 2'
2 non-polymer PROGESTERONE
3 non-polymer GLYCEROL
4 non-polymer '2-(N-MORPHOLINO)-ETHANESULFONIC ACID'
5 non-polymer 3-[(3-CHOLAMIDOPROPYL)DIMETHYLAMMONIO]-1-PROPANESULFONATE
6 non-polymer 'SULFATE ION'
7 water water
#
_entity_poly.entity_id   1
_entity_poly.type   'polypeptide(L)'
_entity_poly.pdbx_seq_one_letter_code
;NASNAPSLISILQAIEPEVVYAGYDNTQPDTTNYLLSSLNRLAEKQLVSVVKWAKALPGFRNLHLDDQMTLIQYSWMGLM
AFAMGWRSYKHTNGQMLYFAPDLIFNEQRMQQSAMYDLCQGMQQISQEFVRLQVTQEEFLCMKALLLLSTVPKEGLKSQA
SFDEMRMNYIKELNRAIAKKENNSAQNWQRFYQLTKLLDSMHDLVGGLLQFCFYTFVQSQALSVEFPEMLVEIISAQLPK
VLAGMAKPLLFHKK
;
_entity_poly.pdbx_strand_id   A,B
#
loop_
_chem_comp.id
_chem_comp.type
_chem_comp.name
_chem_comp.formula
CPS non-polymer 3-[(3-CHOLAMIDOPROPYL)DIMETHYLAMMONIO]-1-PROPANESULFONATE 'C32 H58 N2 O7 S'
GOL non-polymer GLYCEROL 'C3 H8 O3'
MES non-polymer '2-(N-MORPHOLINO)-ETHANESULFONIC ACID' 'C6 H13 N O4 S'
SO4 non-polymer 'SULFATE ION' 'O4 S -2'
STR non-polymer PROGESTERONE 'C21 H30 O2'
#
# COMPACT_ATOMS: atom_id res chain seq x y z
N ASN A 4 45.35 19.62 -18.56
CA ASN A 4 44.13 19.53 -17.73
C ASN A 4 43.85 18.16 -17.03
N ALA A 5 42.88 18.20 -16.13
CA ALA A 5 42.46 17.07 -15.32
C ALA A 5 41.41 16.28 -16.07
N PRO A 6 41.44 14.94 -15.92
CA PRO A 6 40.61 13.99 -16.68
C PRO A 6 39.12 14.35 -16.77
N SER A 7 38.55 14.12 -17.96
CA SER A 7 37.19 14.49 -18.30
C SER A 7 36.21 13.84 -17.36
N LEU A 8 35.18 14.58 -17.01
CA LEU A 8 34.08 13.99 -16.28
C LEU A 8 33.63 12.76 -17.05
N ILE A 9 33.53 12.91 -18.36
CA ILE A 9 33.06 11.82 -19.20
C ILE A 9 34.03 10.63 -19.19
N SER A 10 35.31 10.88 -19.04
CA SER A 10 36.25 9.77 -19.00
C SER A 10 36.14 8.98 -17.66
N ILE A 11 35.75 9.68 -16.60
CA ILE A 11 35.48 9.01 -15.35
C ILE A 11 34.21 8.21 -15.52
N LEU A 12 33.21 8.85 -16.09
CA LEU A 12 31.94 8.17 -16.28
C LEU A 12 32.14 6.82 -16.94
N GLN A 13 32.91 6.80 -18.03
CA GLN A 13 33.24 5.57 -18.71
C GLN A 13 33.97 4.57 -17.82
N ALA A 14 34.93 5.05 -17.04
CA ALA A 14 35.68 4.17 -16.17
C ALA A 14 34.77 3.40 -15.22
N ILE A 15 33.82 4.12 -14.62
CA ILE A 15 33.05 3.60 -13.49
C ILE A 15 31.74 2.95 -13.91
N GLU A 16 31.54 2.88 -15.21
CA GLU A 16 30.36 2.21 -15.74
C GLU A 16 30.36 0.76 -15.31
N PRO A 17 29.23 0.32 -14.75
CA PRO A 17 29.10 -1.05 -14.27
C PRO A 17 29.22 -2.04 -15.40
N GLU A 18 29.79 -3.19 -15.10
CA GLU A 18 29.71 -4.31 -16.02
C GLU A 18 28.29 -4.89 -15.96
N VAL A 19 27.90 -5.60 -17.01
CA VAL A 19 26.56 -6.15 -17.10
C VAL A 19 26.33 -7.24 -16.05
N VAL A 20 25.11 -7.26 -15.55
CA VAL A 20 24.67 -8.22 -14.57
C VAL A 20 23.95 -9.40 -15.25
N TYR A 21 24.26 -10.62 -14.83
CA TYR A 21 23.44 -11.77 -15.19
C TYR A 21 22.31 -12.01 -14.19
N ALA A 22 21.17 -12.47 -14.69
CA ALA A 22 20.00 -12.75 -13.86
C ALA A 22 20.11 -14.10 -13.15
N GLY A 23 20.80 -15.04 -13.80
CA GLY A 23 20.86 -16.42 -13.36
C GLY A 23 19.58 -17.17 -13.67
N TYR A 24 19.01 -16.88 -14.84
CA TYR A 24 17.70 -17.38 -15.20
C TYR A 24 17.78 -18.76 -15.86
N ASP A 25 16.80 -19.60 -15.57
CA ASP A 25 16.68 -20.86 -16.28
C ASP A 25 15.70 -20.67 -17.46
N ASN A 26 16.24 -20.66 -18.67
CA ASN A 26 15.46 -20.32 -19.85
C ASN A 26 14.66 -21.49 -20.37
N THR A 27 14.93 -22.65 -19.76
CA THR A 27 14.27 -23.91 -20.08
C THR A 27 12.95 -23.95 -19.35
N GLN A 28 12.83 -23.11 -18.33
CA GLN A 28 11.55 -22.93 -17.68
C GLN A 28 10.50 -22.43 -18.67
N PRO A 29 9.23 -22.60 -18.31
CA PRO A 29 8.14 -22.04 -19.10
C PRO A 29 8.06 -20.56 -18.82
N ASP A 30 7.47 -19.79 -19.72
CA ASP A 30 7.40 -18.35 -19.50
C ASP A 30 6.08 -18.06 -18.79
N THR A 31 6.18 -17.71 -17.50
CA THR A 31 4.99 -17.60 -16.66
C THR A 31 5.06 -16.33 -15.80
N THR A 32 3.93 -15.66 -15.64
CA THR A 32 3.93 -14.37 -14.96
C THR A 32 4.70 -14.34 -13.65
N ASN A 33 4.61 -15.39 -12.86
CA ASN A 33 5.22 -15.32 -11.56
C ASN A 33 6.71 -15.57 -11.63
N TYR A 34 7.12 -16.56 -12.41
CA TYR A 34 8.54 -16.87 -12.51
C TYR A 34 9.27 -15.74 -13.23
N LEU A 35 8.61 -15.18 -14.24
CA LEU A 35 9.15 -14.02 -14.94
C LEU A 35 9.33 -12.85 -13.99
N LEU A 36 8.27 -12.40 -13.33
CA LEU A 36 8.41 -11.28 -12.42
C LEU A 36 9.42 -11.55 -11.31
N SER A 37 9.40 -12.76 -10.76
CA SER A 37 10.27 -13.05 -9.64
C SER A 37 11.71 -12.94 -10.07
N SER A 38 11.98 -13.46 -11.26
CA SER A 38 13.33 -13.45 -11.80
C SER A 38 13.83 -12.03 -12.08
N LEU A 39 12.93 -11.13 -12.45
CA LEU A 39 13.29 -9.72 -12.67
C LEU A 39 13.67 -9.12 -11.36
N ASN A 40 12.92 -9.47 -10.33
CA ASN A 40 13.15 -8.91 -9.01
C ASN A 40 14.48 -9.37 -8.45
N ARG A 41 14.91 -10.58 -8.82
CA ARG A 41 16.24 -11.03 -8.44
C ARG A 41 17.28 -10.17 -9.14
N LEU A 42 17.08 -9.97 -10.44
CA LEU A 42 17.93 -9.10 -11.25
C LEU A 42 17.94 -7.70 -10.71
N ALA A 43 16.80 -7.24 -10.23
CA ALA A 43 16.74 -5.89 -9.74
C ALA A 43 17.61 -5.79 -8.50
N GLU A 44 17.72 -6.87 -7.75
CA GLU A 44 18.51 -6.80 -6.53
C GLU A 44 19.98 -6.65 -6.87
N LYS A 45 20.46 -7.54 -7.72
CA LYS A 45 21.85 -7.54 -8.18
C LYS A 45 22.27 -6.21 -8.80
N GLN A 46 21.38 -5.65 -9.63
CA GLN A 46 21.63 -4.34 -10.22
C GLN A 46 21.60 -3.28 -9.15
N LEU A 47 20.73 -3.45 -8.17
CA LEU A 47 20.62 -2.47 -7.11
C LEU A 47 21.97 -2.23 -6.44
N VAL A 48 22.71 -3.31 -6.22
CA VAL A 48 23.98 -3.19 -5.51
C VAL A 48 24.98 -2.40 -6.36
N SER A 49 25.06 -2.74 -7.64
CA SER A 49 26.01 -2.04 -8.51
C SER A 49 25.59 -0.58 -8.78
N VAL A 50 24.29 -0.35 -8.92
CA VAL A 50 23.82 1.02 -9.03
C VAL A 50 24.33 1.89 -7.88
N VAL A 51 24.41 1.34 -6.68
CA VAL A 51 24.86 2.15 -5.54
C VAL A 51 26.36 2.33 -5.55
N LYS A 52 27.07 1.29 -5.97
CA LYS A 52 28.52 1.38 -6.09
C LYS A 52 28.79 2.54 -7.03
N TRP A 53 28.10 2.46 -8.17
CA TRP A 53 28.16 3.44 -9.23
C TRP A 53 27.98 4.86 -8.75
N ALA A 54 26.96 5.09 -7.94
CA ALA A 54 26.62 6.43 -7.49
C ALA A 54 27.68 7.00 -6.56
N LYS A 55 28.27 6.14 -5.73
CA LYS A 55 29.35 6.57 -4.87
C LYS A 55 30.49 7.11 -5.72
N ALA A 56 30.89 6.30 -6.70
CA ALA A 56 32.00 6.63 -7.58
C ALA A 56 31.69 7.81 -8.47
N LEU A 57 30.42 8.20 -8.51
CA LEU A 57 29.97 9.33 -9.30
C LEU A 57 30.50 10.61 -8.68
N PRO A 58 31.25 11.37 -9.49
CA PRO A 58 31.93 12.58 -9.04
C PRO A 58 30.95 13.63 -8.54
N GLY A 59 31.21 14.13 -7.34
CA GLY A 59 30.37 15.16 -6.74
C GLY A 59 29.22 14.57 -5.95
N PHE A 60 29.09 13.26 -6.00
CA PHE A 60 27.99 12.60 -5.30
C PHE A 60 28.24 12.48 -3.80
N ARG A 61 29.42 12.01 -3.42
CA ARG A 61 29.72 11.77 -2.01
C ARG A 61 29.78 13.10 -1.23
N ASN A 62 29.80 14.21 -1.98
CA ASN A 62 29.83 15.56 -1.41
C ASN A 62 28.45 16.05 -1.03
N LEU A 63 27.43 15.29 -1.41
CA LEU A 63 26.08 15.59 -1.03
C LEU A 63 25.82 15.02 0.35
N HIS A 64 24.98 15.68 1.13
CA HIS A 64 24.62 15.17 2.43
C HIS A 64 24.10 13.74 2.29
N LEU A 65 24.40 12.91 3.28
CA LEU A 65 24.14 11.48 3.17
C LEU A 65 22.64 11.14 3.15
N ASP A 66 21.80 12.08 3.57
CA ASP A 66 20.36 11.85 3.49
C ASP A 66 19.91 12.07 2.06
N ASP A 67 20.53 13.06 1.42
CA ASP A 67 20.32 13.35 0.01
C ASP A 67 20.73 12.17 -0.87
N GLN A 68 21.90 11.61 -0.58
CA GLN A 68 22.35 10.41 -1.28
C GLN A 68 21.34 9.28 -1.20
N MET A 69 20.85 9.01 0.01
CA MET A 69 19.89 7.92 0.22
C MET A 69 18.56 8.26 -0.45
N THR A 70 18.14 9.50 -0.34
CA THR A 70 16.88 9.91 -0.91
C THR A 70 16.91 9.71 -2.42
N LEU A 71 17.87 10.38 -3.08
CA LEU A 71 17.98 10.38 -4.53
C LEU A 71 17.96 8.98 -5.09
N ILE A 72 18.71 8.09 -4.46
CA ILE A 72 18.73 6.74 -4.95
C ILE A 72 17.35 6.10 -4.91
N GLN A 73 16.71 6.17 -3.76
CA GLN A 73 15.38 5.59 -3.59
C GLN A 73 14.43 6.07 -4.66
N TYR A 74 14.54 7.35 -5.02
CA TYR A 74 13.72 7.88 -6.10
C TYR A 74 14.09 7.29 -7.47
N SER A 75 15.34 7.42 -7.86
CA SER A 75 15.70 7.16 -9.23
C SER A 75 16.13 5.71 -9.53
N TRP A 76 16.22 4.87 -8.51
CA TRP A 76 16.72 3.50 -8.73
C TRP A 76 16.00 2.83 -9.89
N MET A 77 14.68 3.04 -9.96
CA MET A 77 13.86 2.44 -11.00
C MET A 77 14.20 3.00 -12.37
N GLY A 78 14.39 4.31 -12.44
CA GLY A 78 14.64 4.97 -13.72
C GLY A 78 16.01 4.65 -14.27
N LEU A 79 16.99 4.56 -13.38
CA LEU A 79 18.33 4.20 -13.81
C LEU A 79 18.33 2.81 -14.44
N MET A 80 17.73 1.85 -13.74
CA MET A 80 17.72 0.50 -14.24
C MET A 80 17.01 0.40 -15.59
N ALA A 81 15.89 1.11 -15.71
CA ALA A 81 15.05 0.98 -16.90
C ALA A 81 15.65 1.77 -18.05
N PHE A 82 16.32 2.87 -17.71
CA PHE A 82 17.03 3.65 -18.71
C PHE A 82 18.13 2.78 -19.31
N ALA A 83 19.01 2.30 -18.43
CA ALA A 83 20.08 1.38 -18.80
C ALA A 83 19.56 0.20 -19.60
N MET A 84 18.41 -0.33 -19.20
CA MET A 84 17.88 -1.49 -19.87
C MET A 84 17.58 -1.17 -21.32
N GLY A 85 16.96 -0.02 -21.57
CA GLY A 85 16.63 0.39 -22.93
C GLY A 85 17.86 0.66 -23.79
N TRP A 86 18.94 1.04 -23.13
CA TRP A 86 20.20 1.24 -23.81
C TRP A 86 20.75 -0.10 -24.29
N ARG A 87 20.83 -1.06 -23.38
CA ARG A 87 21.20 -2.42 -23.72
C ARG A 87 20.31 -2.97 -24.82
N SER A 88 19.01 -2.70 -24.72
CA SER A 88 18.08 -3.22 -25.72
C SER A 88 18.34 -2.62 -27.09
N TYR A 89 18.86 -1.41 -27.12
CA TYR A 89 19.29 -0.76 -28.36
C TYR A 89 20.62 -1.38 -28.82
N LYS A 90 21.58 -1.50 -27.93
CA LYS A 90 22.87 -2.05 -28.33
C LYS A 90 22.84 -3.51 -28.78
N HIS A 91 22.17 -4.38 -28.02
CA HIS A 91 22.09 -5.79 -28.39
C HIS A 91 20.94 -6.26 -29.28
N THR A 92 19.73 -5.78 -29.04
CA THR A 92 18.59 -6.18 -29.87
C THR A 92 18.12 -5.14 -30.88
N ASN A 93 18.82 -4.01 -30.94
CA ASN A 93 18.43 -2.90 -31.80
C ASN A 93 17.01 -2.38 -31.52
N GLY A 94 16.62 -2.40 -30.25
CA GLY A 94 15.34 -1.89 -29.82
C GLY A 94 14.21 -2.88 -30.02
N GLN A 95 14.55 -4.00 -30.67
CA GLN A 95 13.62 -5.07 -30.98
C GLN A 95 13.07 -5.83 -29.75
N MET A 96 13.91 -6.06 -28.75
CA MET A 96 13.56 -6.87 -27.59
C MET A 96 13.99 -6.22 -26.29
N LEU A 97 13.51 -6.74 -25.16
CA LEU A 97 13.86 -6.15 -23.88
C LEU A 97 14.96 -6.95 -23.23
N TYR A 98 16.16 -6.39 -23.22
CA TYR A 98 17.34 -7.10 -22.79
C TYR A 98 17.63 -6.65 -21.37
N PHE A 99 17.12 -7.40 -20.41
CA PHE A 99 17.26 -7.02 -19.02
C PHE A 99 18.63 -7.47 -18.59
N ALA A 100 18.96 -8.69 -19.01
CA ALA A 100 20.21 -9.35 -18.69
C ALA A 100 20.52 -10.18 -19.92
N PRO A 101 21.79 -10.57 -20.10
CA PRO A 101 22.11 -11.35 -21.30
C PRO A 101 21.38 -12.70 -21.27
N ASP A 102 21.18 -13.26 -20.08
CA ASP A 102 20.47 -14.53 -19.94
C ASP A 102 18.93 -14.41 -19.88
N LEU A 103 18.43 -13.22 -19.61
CA LEU A 103 16.99 -13.10 -19.58
C LEU A 103 16.55 -11.92 -20.44
N ILE A 104 15.95 -12.23 -21.59
CA ILE A 104 15.60 -11.21 -22.56
C ILE A 104 14.15 -11.40 -22.96
N PHE A 105 13.36 -10.34 -22.91
CA PHE A 105 11.97 -10.49 -23.28
C PHE A 105 11.74 -10.34 -24.77
N ASN A 106 11.26 -11.42 -25.39
CA ASN A 106 10.72 -11.35 -26.73
C ASN A 106 9.22 -11.17 -26.60
N GLU A 107 8.52 -11.12 -27.73
CA GLU A 107 7.09 -10.81 -27.72
C GLU A 107 6.30 -11.64 -26.70
N GLN A 108 6.51 -12.96 -26.74
CA GLN A 108 5.80 -13.89 -25.87
C GLN A 108 6.04 -13.63 -24.39
N ARG A 109 7.27 -13.29 -24.04
CA ARG A 109 7.58 -13.01 -22.64
C ARG A 109 6.91 -11.69 -22.19
N MET A 110 6.73 -10.73 -23.09
CA MET A 110 6.02 -9.52 -22.71
C MET A 110 4.55 -9.81 -22.51
N GLN A 111 4.05 -10.84 -23.20
CA GLN A 111 2.68 -11.32 -22.99
C GLN A 111 2.51 -11.94 -21.60
N GLN A 112 3.31 -12.95 -21.30
CA GLN A 112 3.26 -13.60 -20.00
C GLN A 112 3.66 -12.67 -18.84
N SER A 113 4.45 -11.64 -19.12
CA SER A 113 4.91 -10.71 -18.10
C SER A 113 3.74 -10.19 -17.29
N ALA A 114 2.61 -10.05 -17.97
CA ALA A 114 1.42 -9.39 -17.44
C ALA A 114 1.71 -7.93 -17.05
N MET A 115 2.84 -7.42 -17.53
CA MET A 115 3.13 -5.98 -17.61
C MET A 115 3.12 -5.41 -19.03
N TYR A 116 2.58 -6.18 -19.96
CA TYR A 116 2.77 -5.95 -21.40
C TYR A 116 2.69 -4.49 -21.90
N ASP A 117 1.78 -3.68 -21.38
CA ASP A 117 1.73 -2.28 -21.82
C ASP A 117 2.91 -1.48 -21.30
N LEU A 118 3.49 -1.95 -20.21
CA LEU A 118 4.71 -1.36 -19.71
C LEU A 118 5.89 -1.87 -20.50
N CYS A 119 5.85 -3.14 -20.88
CA CYS A 119 6.90 -3.66 -21.71
C CYS A 119 7.00 -2.85 -22.97
N GLN A 120 5.86 -2.55 -23.57
CA GLN A 120 5.80 -1.68 -24.74
C GLN A 120 6.42 -0.32 -24.45
N GLY A 121 6.05 0.26 -23.32
CA GLY A 121 6.58 1.56 -22.94
C GLY A 121 8.09 1.56 -22.93
N MET A 122 8.68 0.51 -22.36
CA MET A 122 10.13 0.41 -22.26
C MET A 122 10.73 0.09 -23.62
N GLN A 123 9.98 -0.65 -24.43
CA GLN A 123 10.43 -0.94 -25.77
C GLN A 123 10.46 0.32 -26.60
N GLN A 124 9.60 1.28 -26.28
CA GLN A 124 9.62 2.57 -26.96
C GLN A 124 10.77 3.46 -26.51
N ILE A 125 11.24 3.29 -25.27
CA ILE A 125 12.41 4.04 -24.89
C ILE A 125 13.60 3.61 -25.73
N SER A 126 13.83 2.30 -25.83
CA SER A 126 14.97 1.83 -26.61
C SER A 126 14.89 2.25 -28.07
N GLN A 127 13.71 2.09 -28.66
CA GLN A 127 13.45 2.50 -30.03
C GLN A 127 13.79 3.97 -30.30
N GLU A 128 13.70 4.79 -29.27
CA GLU A 128 14.13 6.17 -29.34
C GLU A 128 15.64 6.27 -29.40
N PHE A 129 16.30 5.44 -28.61
CA PHE A 129 17.74 5.37 -28.64
C PHE A 129 18.18 5.06 -30.06
N VAL A 130 17.41 4.22 -30.75
CA VAL A 130 17.85 3.80 -32.07
C VAL A 130 17.52 4.84 -33.13
N ARG A 131 16.37 5.49 -32.97
CA ARG A 131 15.98 6.60 -33.82
C ARG A 131 17.00 7.72 -33.67
N LEU A 132 17.43 7.96 -32.45
CA LEU A 132 18.40 9.01 -32.20
C LEU A 132 19.85 8.61 -32.39
N GLN A 133 20.15 7.32 -32.52
CA GLN A 133 21.55 6.89 -32.61
C GLN A 133 22.43 7.51 -31.52
N VAL A 134 22.02 7.31 -30.28
CA VAL A 134 22.69 7.88 -29.12
C VAL A 134 24.09 7.30 -28.94
N THR A 135 25.05 8.19 -28.71
CA THR A 135 26.41 7.79 -28.46
C THR A 135 26.56 7.33 -27.04
N GLN A 136 27.61 6.57 -26.79
CA GLN A 136 27.82 5.96 -25.49
C GLN A 136 28.15 7.04 -24.51
N GLU A 137 28.81 8.10 -24.99
CA GLU A 137 29.09 9.29 -24.16
C GLU A 137 27.82 10.07 -23.84
N GLU A 138 26.98 10.28 -24.85
CA GLU A 138 25.70 10.88 -24.59
C GLU A 138 24.95 10.04 -23.54
N PHE A 139 24.95 8.71 -23.71
CA PHE A 139 24.22 7.83 -22.80
C PHE A 139 24.69 7.96 -21.36
N LEU A 140 25.99 8.05 -21.18
CA LEU A 140 26.55 8.03 -19.85
C LEU A 140 26.21 9.29 -19.12
N CYS A 141 26.23 10.42 -19.82
CA CYS A 141 25.86 11.70 -19.20
C CYS A 141 24.39 11.75 -18.84
N MET A 142 23.53 11.36 -19.78
CA MET A 142 22.12 11.31 -19.51
C MET A 142 21.82 10.46 -18.26
N LYS A 143 22.46 9.31 -18.16
CA LYS A 143 22.19 8.41 -17.03
C LYS A 143 22.67 8.98 -15.70
N ALA A 144 23.66 9.85 -15.77
CA ALA A 144 24.12 10.53 -14.57
C ALA A 144 23.05 11.53 -14.16
N LEU A 145 22.52 12.24 -15.14
CA LEU A 145 21.48 13.22 -14.86
C LEU A 145 20.21 12.56 -14.37
N LEU A 146 19.88 11.42 -14.91
CA LEU A 146 18.66 10.75 -14.51
C LEU A 146 18.66 10.56 -12.98
N LEU A 147 19.82 10.22 -12.41
CA LEU A 147 19.99 10.19 -10.97
C LEU A 147 19.53 11.51 -10.34
N LEU A 148 19.91 12.60 -10.97
CA LEU A 148 19.68 13.92 -10.44
C LEU A 148 18.37 14.55 -10.87
N SER A 149 17.50 13.81 -11.55
CA SER A 149 16.30 14.44 -12.08
C SER A 149 15.02 14.27 -11.26
N THR A 150 15.06 13.50 -10.19
CA THR A 150 13.92 13.38 -9.28
C THR A 150 14.39 13.64 -7.87
N VAL A 151 13.86 14.69 -7.27
CA VAL A 151 14.34 15.20 -5.99
C VAL A 151 13.22 15.23 -4.95
N PRO A 152 13.57 15.34 -3.66
CA PRO A 152 12.51 15.57 -2.67
C PRO A 152 11.87 16.96 -2.85
N LYS A 153 10.54 16.99 -2.83
CA LYS A 153 9.77 18.20 -3.08
C LYS A 153 10.12 19.34 -2.14
N GLU A 154 10.49 18.97 -0.91
CA GLU A 154 10.85 19.93 0.14
C GLU A 154 12.23 20.53 -0.05
N GLY A 155 13.02 19.98 -0.97
CA GLY A 155 14.37 20.44 -1.20
C GLY A 155 15.42 19.49 -0.65
N LEU A 156 16.69 19.89 -0.77
CA LEU A 156 17.80 19.07 -0.28
C LEU A 156 18.61 19.76 0.82
N LYS A 157 19.09 18.97 1.77
CA LYS A 157 19.90 19.48 2.88
C LYS A 157 21.05 20.32 2.35
N SER A 158 21.95 19.68 1.60
CA SER A 158 22.90 20.45 0.83
C SER A 158 22.35 20.46 -0.57
N GLN A 159 21.74 21.58 -0.94
CA GLN A 159 21.40 21.91 -2.31
C GLN A 159 22.57 22.77 -2.64
N ALA A 160 23.39 22.95 -1.60
CA ALA A 160 24.64 23.63 -1.73
C ALA A 160 25.21 23.00 -2.99
N SER A 161 25.65 21.76 -2.83
CA SER A 161 26.38 21.09 -3.89
C SER A 161 25.50 20.73 -5.08
N PHE A 162 24.36 20.14 -4.79
CA PHE A 162 23.51 19.51 -5.81
C PHE A 162 23.33 20.35 -7.07
N ASP A 163 22.74 21.52 -6.92
CA ASP A 163 22.51 22.40 -8.06
C ASP A 163 23.77 22.49 -8.93
N GLU A 164 24.93 22.69 -8.29
CA GLU A 164 26.17 22.85 -9.04
C GLU A 164 26.54 21.56 -9.78
N MET A 165 26.53 20.45 -9.06
CA MET A 165 26.79 19.15 -9.66
C MET A 165 25.87 18.90 -10.87
N ARG A 166 24.57 19.05 -10.66
CA ARG A 166 23.59 18.86 -11.72
C ARG A 166 23.91 19.71 -12.96
N MET A 167 24.51 20.86 -12.76
CA MET A 167 24.82 21.71 -13.91
C MET A 167 26.02 21.15 -14.67
N ASN A 168 26.97 20.60 -13.92
CA ASN A 168 28.17 20.07 -14.53
C ASN A 168 27.80 18.96 -15.47
N TYR A 169 26.83 18.16 -15.05
CA TYR A 169 26.51 16.99 -15.84
C TYR A 169 25.76 17.45 -17.06
N ILE A 170 25.03 18.54 -16.90
CA ILE A 170 24.39 19.20 -18.04
C ILE A 170 25.42 19.81 -19.00
N LYS A 171 26.41 20.49 -18.45
CA LYS A 171 27.52 20.99 -19.27
C LYS A 171 28.22 19.85 -19.97
N GLU A 172 28.54 18.81 -19.20
CA GLU A 172 29.22 17.65 -19.75
C GLU A 172 28.43 17.06 -20.89
N LEU A 173 27.14 16.87 -20.68
CA LEU A 173 26.29 16.40 -21.77
C LEU A 173 26.41 17.27 -23.04
N ASN A 174 26.63 18.57 -22.87
CA ASN A 174 26.80 19.41 -24.05
C ASN A 174 28.17 19.18 -24.66
N ARG A 175 29.18 19.09 -23.79
CA ARG A 175 30.51 18.73 -24.22
C ARG A 175 30.48 17.50 -25.15
N ALA A 176 29.57 16.58 -24.87
CA ALA A 176 29.45 15.32 -25.63
C ALA A 176 28.76 15.45 -26.98
N ILE A 177 27.66 16.21 -27.01
CA ILE A 177 26.96 16.58 -28.25
C ILE A 177 27.80 17.42 -29.22
N ALA A 178 28.63 18.30 -28.65
CA ALA A 178 29.46 19.21 -29.41
C ALA A 178 30.53 18.45 -30.18
N LYS A 179 31.03 17.38 -29.59
CA LYS A 179 32.10 16.56 -30.18
C LYS A 179 31.80 16.13 -31.62
N LYS A 180 30.52 15.94 -31.93
CA LYS A 180 30.05 15.50 -33.24
C LYS A 180 30.35 16.54 -34.34
N GLU A 181 30.87 17.69 -33.94
CA GLU A 181 31.28 18.77 -34.86
C GLU A 181 30.12 19.44 -35.57
N ASN A 182 28.93 19.37 -35.00
CA ASN A 182 27.79 20.01 -35.61
C ASN A 182 27.83 21.51 -35.36
N ASN A 183 26.86 22.23 -35.93
CA ASN A 183 26.75 23.65 -35.66
C ASN A 183 25.75 23.88 -34.54
N SER A 184 25.65 25.12 -34.09
CA SER A 184 24.97 25.38 -32.84
C SER A 184 23.51 24.94 -32.88
N ALA A 185 22.96 24.89 -34.10
CA ALA A 185 21.54 24.64 -34.29
C ALA A 185 21.24 23.15 -34.23
N GLN A 186 22.20 22.37 -34.74
CA GLN A 186 22.12 20.93 -34.68
C GLN A 186 22.34 20.55 -33.24
N ASN A 187 23.39 21.09 -32.65
CA ASN A 187 23.62 20.92 -31.23
C ASN A 187 22.38 21.20 -30.40
N TRP A 188 21.72 22.32 -30.67
CA TRP A 188 20.55 22.69 -29.88
C TRP A 188 19.44 21.68 -30.08
N GLN A 189 19.41 21.12 -31.27
CA GLN A 189 18.38 20.15 -31.63
C GLN A 189 18.65 18.77 -31.02
N ARG A 190 19.92 18.36 -31.01
CA ARG A 190 20.37 17.18 -30.29
C ARG A 190 20.01 17.33 -28.82
N PHE A 191 20.47 18.42 -28.23
CA PHE A 191 20.17 18.73 -26.84
C PHE A 191 18.68 18.65 -26.52
N TYR A 192 17.85 19.18 -27.41
CA TYR A 192 16.44 19.18 -27.15
C TYR A 192 16.01 17.73 -27.13
N GLN A 193 16.31 17.03 -28.21
CA GLN A 193 15.85 15.65 -28.34
C GLN A 193 16.42 14.68 -27.31
N LEU A 194 17.60 14.96 -26.75
CA LEU A 194 18.10 14.13 -25.67
C LEU A 194 17.32 14.35 -24.39
N THR A 195 17.42 15.54 -23.85
CA THR A 195 16.71 15.87 -22.61
C THR A 195 15.24 15.50 -22.74
N LYS A 196 14.72 15.51 -23.94
CA LYS A 196 13.33 15.13 -24.10
C LYS A 196 13.12 13.63 -23.99
N LEU A 197 14.10 12.84 -24.47
CA LEU A 197 14.14 11.41 -24.14
C LEU A 197 14.25 11.20 -22.62
N LEU A 198 15.18 11.91 -21.98
CA LEU A 198 15.26 11.94 -20.52
C LEU A 198 13.91 12.17 -19.86
N ASP A 199 13.35 13.35 -20.07
CA ASP A 199 12.12 13.72 -19.41
C ASP A 199 11.05 12.66 -19.60
N SER A 200 11.00 12.07 -20.77
CA SER A 200 10.03 11.00 -21.04
C SER A 200 10.11 9.86 -20.02
N MET A 201 11.24 9.78 -19.32
CA MET A 201 11.49 8.70 -18.39
C MET A 201 10.53 8.66 -17.20
N HIS A 202 10.19 9.82 -16.65
CA HIS A 202 9.29 9.92 -15.50
C HIS A 202 7.95 9.28 -15.74
N ASP A 203 7.34 9.65 -16.85
CA ASP A 203 6.05 9.10 -17.22
C ASP A 203 6.10 7.59 -17.16
N LEU A 204 7.09 7.02 -17.86
CA LEU A 204 7.33 5.58 -17.82
C LEU A 204 7.52 5.09 -16.39
N VAL A 205 8.47 5.71 -15.71
CA VAL A 205 8.83 5.25 -14.39
C VAL A 205 7.65 5.31 -13.43
N GLY A 206 6.87 6.38 -13.48
CA GLY A 206 5.68 6.46 -12.65
C GLY A 206 4.89 5.17 -12.82
N GLY A 207 4.55 4.86 -14.07
CA GLY A 207 3.79 3.65 -14.38
C GLY A 207 4.39 2.39 -13.81
N LEU A 208 5.72 2.25 -13.97
CA LEU A 208 6.44 1.08 -13.48
C LEU A 208 6.35 0.96 -11.97
N LEU A 209 6.62 2.08 -11.27
CA LEU A 209 6.49 2.15 -9.82
C LEU A 209 5.14 1.64 -9.36
N GLN A 210 4.11 2.17 -10.00
CA GLN A 210 2.75 1.79 -9.70
C GLN A 210 2.59 0.27 -9.71
N PHE A 211 2.93 -0.37 -10.83
CA PHE A 211 2.76 -1.82 -10.95
C PHE A 211 3.73 -2.57 -10.02
N CYS A 212 4.79 -1.90 -9.62
CA CYS A 212 5.73 -2.47 -8.67
C CYS A 212 5.14 -2.44 -7.27
N PHE A 213 4.62 -1.27 -6.90
CA PHE A 213 3.92 -1.12 -5.64
C PHE A 213 2.84 -2.16 -5.51
N TYR A 214 2.02 -2.23 -6.54
CA TYR A 214 1.02 -3.27 -6.61
C TYR A 214 1.64 -4.62 -6.30
N THR A 215 2.48 -5.14 -7.18
CA THR A 215 3.01 -6.49 -7.03
C THR A 215 3.66 -6.74 -5.69
N PHE A 216 4.14 -5.67 -5.07
CA PHE A 216 4.77 -5.74 -3.77
C PHE A 216 3.73 -6.11 -2.70
N VAL A 217 2.70 -5.28 -2.63
CA VAL A 217 1.58 -5.52 -1.73
C VAL A 217 0.94 -6.91 -1.94
N GLN A 218 0.67 -7.25 -3.19
CA GLN A 218 -0.12 -8.43 -3.55
C GLN A 218 0.69 -9.71 -3.78
N SER A 219 1.97 -9.67 -3.44
CA SER A 219 2.87 -10.79 -3.72
C SER A 219 2.34 -12.16 -3.28
N GLN A 220 1.75 -12.23 -2.09
CA GLN A 220 1.14 -13.46 -1.58
C GLN A 220 0.13 -13.95 -2.61
N ALA A 221 -0.82 -13.07 -2.92
CA ALA A 221 -1.80 -13.24 -3.99
C ALA A 221 -1.10 -13.69 -5.27
N LEU A 222 -0.07 -12.96 -5.69
CA LEU A 222 0.50 -13.14 -7.01
C LEU A 222 1.64 -14.16 -7.08
N SER A 223 2.08 -14.63 -5.91
CA SER A 223 3.20 -15.58 -5.81
C SER A 223 4.47 -15.05 -6.48
N VAL A 224 4.73 -13.76 -6.27
CA VAL A 224 5.92 -13.09 -6.81
C VAL A 224 6.82 -12.67 -5.67
N GLU A 225 8.03 -13.22 -5.63
CA GLU A 225 8.87 -13.06 -4.46
C GLU A 225 9.96 -11.99 -4.62
N PHE A 226 9.99 -11.04 -3.70
CA PHE A 226 10.93 -9.93 -3.73
C PHE A 226 12.12 -10.21 -2.82
N PRO A 227 13.33 -10.36 -3.39
CA PRO A 227 14.44 -10.68 -2.49
C PRO A 227 14.59 -9.63 -1.39
N GLU A 228 15.30 -10.04 -0.33
CA GLU A 228 15.34 -9.28 0.89
C GLU A 228 15.57 -7.80 0.60
N MET A 229 16.77 -7.49 0.10
CA MET A 229 17.25 -6.13 -0.08
C MET A 229 16.36 -5.26 -0.97
N LEU A 230 15.76 -5.89 -1.97
CA LEU A 230 14.78 -5.23 -2.81
C LEU A 230 13.62 -4.74 -1.95
N VAL A 231 13.19 -5.56 -1.00
CA VAL A 231 12.09 -5.22 -0.10
C VAL A 231 12.20 -3.84 0.60
N GLU A 232 13.32 -3.58 1.28
CA GLU A 232 13.48 -2.38 2.11
C GLU A 232 13.40 -1.14 1.30
N ILE A 233 14.07 -1.17 0.15
CA ILE A 233 14.14 0.03 -0.65
C ILE A 233 12.74 0.41 -1.05
N ILE A 234 11.94 -0.59 -1.36
CA ILE A 234 10.58 -0.33 -1.74
C ILE A 234 9.85 0.14 -0.50
N SER A 235 10.06 -0.56 0.61
CA SER A 235 9.44 -0.17 1.88
C SER A 235 9.64 1.30 2.17
N ALA A 236 10.86 1.78 1.93
CA ALA A 236 11.24 3.13 2.31
C ALA A 236 10.75 4.13 1.30
N GLN A 237 10.69 3.69 0.05
CA GLN A 237 10.36 4.55 -1.07
C GLN A 237 8.86 4.78 -1.19
N LEU A 238 8.12 3.68 -1.04
CA LEU A 238 6.68 3.62 -1.28
C LEU A 238 5.90 4.73 -0.57
N PRO A 239 6.17 4.91 0.73
CA PRO A 239 5.56 5.98 1.50
C PRO A 239 5.84 7.35 0.91
N LYS A 240 7.09 7.63 0.58
CA LYS A 240 7.49 8.96 0.15
C LYS A 240 6.79 9.31 -1.17
N VAL A 241 6.71 8.29 -2.01
CA VAL A 241 6.10 8.37 -3.32
C VAL A 241 4.62 8.63 -3.24
N LEU A 242 3.92 7.77 -2.49
CA LEU A 242 2.48 7.88 -2.38
C LEU A 242 2.11 9.10 -1.54
N ALA A 243 3.07 9.66 -0.83
CA ALA A 243 2.86 10.93 -0.16
C ALA A 243 3.08 12.07 -1.15
N GLY A 244 3.74 11.75 -2.26
CA GLY A 244 4.04 12.72 -3.29
C GLY A 244 5.14 13.71 -2.96
N MET A 245 6.15 13.27 -2.22
CA MET A 245 7.25 14.16 -1.86
C MET A 245 8.38 14.17 -2.89
N ALA A 246 8.18 13.42 -3.97
CA ALA A 246 9.15 13.28 -5.06
C ALA A 246 8.84 14.20 -6.24
N LYS A 247 9.70 15.18 -6.50
CA LYS A 247 9.52 16.13 -7.61
C LYS A 247 10.46 15.91 -8.81
N PRO A 248 9.91 15.45 -9.95
CA PRO A 248 10.70 15.33 -11.17
C PRO A 248 11.16 16.68 -11.70
N LEU A 249 12.41 16.74 -12.15
CA LEU A 249 12.99 17.97 -12.67
C LEU A 249 13.00 17.94 -14.18
N LEU A 250 12.17 18.75 -14.84
CA LEU A 250 12.03 18.61 -16.28
C LEU A 250 12.84 19.60 -17.12
N PHE A 251 12.89 19.33 -18.42
CA PHE A 251 13.44 20.26 -19.41
C PHE A 251 12.42 20.96 -20.33
N HIS A 252 11.15 20.58 -20.23
CA HIS A 252 10.00 21.50 -20.42
C HIS A 252 8.64 20.77 -20.44
N LYS A 253 7.56 21.51 -20.19
CA LYS A 253 6.24 20.91 -20.03
C LYS A 253 5.70 20.48 -21.37
N ASN B 4 -48.80 -9.91 17.29
CA ASN B 4 -47.72 -9.38 16.44
C ASN B 4 -46.67 -10.41 15.91
N ALA B 5 -45.93 -9.97 14.90
CA ALA B 5 -44.75 -10.66 14.42
C ALA B 5 -43.60 -10.45 15.39
N PRO B 6 -42.67 -11.43 15.48
CA PRO B 6 -41.50 -11.32 16.36
C PRO B 6 -40.76 -9.99 16.24
N SER B 7 -40.36 -9.45 17.39
CA SER B 7 -39.55 -8.22 17.45
C SER B 7 -38.26 -8.50 16.77
N LEU B 8 -37.72 -7.53 16.05
CA LEU B 8 -36.45 -7.78 15.39
C LEU B 8 -35.37 -8.03 16.43
N ILE B 9 -35.49 -7.36 17.56
CA ILE B 9 -34.61 -7.63 18.68
C ILE B 9 -34.62 -9.11 19.02
N SER B 10 -35.78 -9.73 19.04
CA SER B 10 -35.86 -11.14 19.31
C SER B 10 -35.17 -11.96 18.21
N ILE B 11 -35.14 -11.41 17.00
CA ILE B 11 -34.43 -12.04 15.90
C ILE B 11 -32.93 -11.74 15.95
N LEU B 12 -32.59 -10.54 16.39
CA LEU B 12 -31.20 -10.20 16.54
C LEU B 12 -30.56 -11.21 17.46
N GLN B 13 -31.25 -11.53 18.55
CA GLN B 13 -30.74 -12.51 19.49
C GLN B 13 -30.58 -13.90 18.87
N ALA B 14 -31.51 -14.27 18.01
CA ALA B 14 -31.48 -15.58 17.37
C ALA B 14 -30.28 -15.76 16.44
N ILE B 15 -29.96 -14.71 15.69
CA ILE B 15 -28.93 -14.81 14.68
C ILE B 15 -27.57 -14.35 15.18
N GLU B 16 -27.50 -13.98 16.45
CA GLU B 16 -26.22 -13.64 17.03
C GLU B 16 -25.28 -14.83 16.95
N PRO B 17 -24.09 -14.62 16.37
CA PRO B 17 -23.11 -15.69 16.21
C PRO B 17 -22.62 -16.16 17.55
N GLU B 18 -22.30 -17.44 17.64
CA GLU B 18 -21.57 -17.97 18.78
C GLU B 18 -20.09 -17.53 18.68
N VAL B 19 -19.40 -17.50 19.82
CA VAL B 19 -18.01 -17.06 19.85
C VAL B 19 -17.10 -17.98 19.03
N VAL B 20 -16.08 -17.40 18.41
CA VAL B 20 -15.09 -18.15 17.66
C VAL B 20 -13.73 -18.22 18.35
N TYR B 21 -13.16 -19.42 18.37
CA TYR B 21 -11.79 -19.65 18.85
C TYR B 21 -10.72 -19.32 17.82
N ALA B 22 -9.56 -18.88 18.31
CA ALA B 22 -8.46 -18.51 17.42
C ALA B 22 -7.62 -19.69 16.98
N GLY B 23 -7.70 -20.79 17.75
CA GLY B 23 -6.77 -21.89 17.60
C GLY B 23 -5.38 -21.41 17.94
N TYR B 24 -5.28 -20.65 19.02
CA TYR B 24 -4.03 -20.02 19.38
C TYR B 24 -3.29 -20.90 20.37
N ASP B 25 -1.97 -20.89 20.26
CA ASP B 25 -1.11 -21.65 21.14
C ASP B 25 -0.52 -20.75 22.23
N ASN B 26 -1.01 -20.95 23.45
CA ASN B 26 -0.73 -20.03 24.55
C ASN B 26 0.59 -20.31 25.26
N THR B 27 1.27 -21.35 24.80
CA THR B 27 2.58 -21.71 25.32
C THR B 27 3.65 -20.93 24.58
N GLN B 28 3.26 -20.38 23.43
CA GLN B 28 4.16 -19.51 22.68
C GLN B 28 4.56 -18.28 23.48
N PRO B 29 5.84 -17.90 23.38
CA PRO B 29 6.23 -16.63 23.99
C PRO B 29 5.39 -15.57 23.33
N ASP B 30 5.19 -14.42 23.95
CA ASP B 30 4.35 -13.44 23.27
C ASP B 30 5.25 -12.54 22.42
N THR B 31 5.19 -12.79 21.11
CA THR B 31 6.06 -12.15 20.14
C THR B 31 5.23 -11.35 19.15
N THR B 32 5.61 -10.10 18.94
CA THR B 32 4.83 -9.19 18.12
C THR B 32 4.28 -9.85 16.85
N ASN B 33 5.16 -10.30 15.97
CA ASN B 33 4.77 -10.99 14.74
C ASN B 33 3.76 -12.11 14.97
N TYR B 34 4.01 -12.97 15.96
CA TYR B 34 3.12 -14.10 16.16
C TYR B 34 1.72 -13.66 16.64
N LEU B 35 1.68 -12.68 17.52
CA LEU B 35 0.42 -12.15 18.00
C LEU B 35 -0.34 -11.53 16.84
N LEU B 36 0.31 -10.58 16.18
CA LEU B 36 -0.34 -9.86 15.08
C LEU B 36 -0.91 -10.81 14.01
N SER B 37 -0.25 -11.94 13.81
CA SER B 37 -0.65 -12.85 12.76
C SER B 37 -1.82 -13.72 13.18
N SER B 38 -1.75 -14.25 14.39
CA SER B 38 -2.84 -15.04 14.91
C SER B 38 -4.12 -14.20 14.96
N LEU B 39 -3.95 -12.92 15.29
CA LEU B 39 -5.07 -11.99 15.28
C LEU B 39 -5.69 -11.95 13.90
N ASN B 40 -4.87 -11.80 12.87
CA ASN B 40 -5.35 -11.83 11.48
C ASN B 40 -6.00 -13.16 11.09
N ARG B 41 -5.56 -14.27 11.69
CA ARG B 41 -6.19 -15.56 11.49
C ARG B 41 -7.60 -15.51 12.06
N LEU B 42 -7.69 -14.97 13.26
CA LEU B 42 -8.95 -14.83 13.96
C LEU B 42 -9.90 -14.01 13.16
N ALA B 43 -9.40 -12.90 12.63
CA ALA B 43 -10.23 -12.03 11.83
C ALA B 43 -10.87 -12.81 10.70
N GLU B 44 -10.10 -13.67 10.05
CA GLU B 44 -10.63 -14.42 8.91
C GLU B 44 -11.81 -15.27 9.34
N LYS B 45 -11.60 -16.06 10.40
CA LYS B 45 -12.69 -16.87 10.94
C LYS B 45 -13.91 -16.00 11.27
N GLN B 46 -13.68 -14.91 12.00
CA GLN B 46 -14.76 -14.00 12.34
C GLN B 46 -15.40 -13.39 11.11
N LEU B 47 -14.59 -13.10 10.10
CA LEU B 47 -15.12 -12.54 8.85
C LEU B 47 -16.24 -13.41 8.26
N VAL B 48 -16.10 -14.72 8.34
CA VAL B 48 -17.14 -15.61 7.81
C VAL B 48 -18.40 -15.45 8.66
N SER B 49 -18.19 -15.39 9.98
CA SER B 49 -19.23 -15.24 10.98
C SER B 49 -20.02 -13.98 10.74
N VAL B 50 -19.33 -12.85 10.64
CA VAL B 50 -20.06 -11.61 10.48
C VAL B 50 -20.81 -11.59 9.15
N VAL B 51 -20.35 -12.35 8.17
CA VAL B 51 -21.06 -12.32 6.91
C VAL B 51 -22.34 -13.17 6.94
N LYS B 52 -22.26 -14.35 7.55
CA LYS B 52 -23.45 -15.14 7.80
C LYS B 52 -24.46 -14.22 8.46
N TRP B 53 -23.99 -13.57 9.52
CA TRP B 53 -24.82 -12.68 10.32
C TRP B 53 -25.55 -11.63 9.47
N ALA B 54 -24.81 -10.82 8.71
CA ALA B 54 -25.43 -9.76 7.96
C ALA B 54 -26.51 -10.28 7.01
N LYS B 55 -26.27 -11.44 6.41
CA LYS B 55 -27.26 -12.04 5.51
C LYS B 55 -28.59 -12.22 6.26
N ALA B 56 -28.53 -12.85 7.43
CA ALA B 56 -29.70 -13.11 8.24
C ALA B 56 -30.29 -11.84 8.82
N LEU B 57 -29.49 -10.80 8.80
CA LEU B 57 -29.88 -9.53 9.38
C LEU B 57 -31.04 -8.95 8.58
N PRO B 58 -32.21 -8.85 9.23
CA PRO B 58 -33.44 -8.38 8.56
C PRO B 58 -33.26 -7.04 7.86
N GLY B 59 -33.64 -7.02 6.59
CA GLY B 59 -33.58 -5.84 5.76
C GLY B 59 -32.38 -5.87 4.81
N PHE B 60 -31.39 -6.66 5.18
CA PHE B 60 -30.11 -6.62 4.48
C PHE B 60 -30.15 -7.16 3.04
N ARG B 61 -30.71 -8.36 2.86
CA ARG B 61 -30.80 -9.00 1.55
C ARG B 61 -31.52 -8.12 0.53
N ASN B 62 -32.26 -7.13 1.02
CA ASN B 62 -33.08 -6.27 0.19
C ASN B 62 -32.32 -5.06 -0.31
N LEU B 63 -31.02 -5.05 -0.05
CA LEU B 63 -30.11 -4.02 -0.54
C LEU B 63 -29.38 -4.59 -1.75
N HIS B 64 -29.07 -3.73 -2.71
CA HIS B 64 -28.30 -4.19 -3.86
C HIS B 64 -27.03 -4.91 -3.38
N LEU B 65 -26.72 -6.04 -4.01
CA LEU B 65 -25.56 -6.84 -3.61
C LEU B 65 -24.26 -6.07 -3.66
N ASP B 66 -24.27 -4.96 -4.40
CA ASP B 66 -23.10 -4.09 -4.43
C ASP B 66 -23.14 -3.21 -3.18
N ASP B 67 -24.36 -2.95 -2.71
CA ASP B 67 -24.57 -2.27 -1.44
C ASP B 67 -24.17 -3.17 -0.27
N GLN B 68 -24.71 -4.38 -0.25
CA GLN B 68 -24.31 -5.38 0.73
C GLN B 68 -22.80 -5.49 0.78
N MET B 69 -22.18 -5.55 -0.39
CA MET B 69 -20.75 -5.78 -0.51
C MET B 69 -19.92 -4.63 0.05
N THR B 70 -20.36 -3.41 -0.21
CA THR B 70 -19.64 -2.24 0.26
C THR B 70 -19.77 -2.03 1.77
N LEU B 71 -21.00 -2.16 2.28
CA LEU B 71 -21.22 -1.95 3.71
C LEU B 71 -20.32 -2.89 4.53
N ILE B 72 -20.28 -4.15 4.14
CA ILE B 72 -19.40 -5.10 4.82
C ILE B 72 -17.94 -4.71 4.69
N GLN B 73 -17.58 -4.26 3.50
CA GLN B 73 -16.22 -3.85 3.25
C GLN B 73 -15.81 -2.76 4.23
N TYR B 74 -16.64 -1.75 4.37
CA TYR B 74 -16.27 -0.65 5.28
C TYR B 74 -16.28 -1.09 6.75
N SER B 75 -17.39 -1.67 7.18
CA SER B 75 -17.64 -1.82 8.59
C SER B 75 -17.06 -3.06 9.25
N TRP B 76 -16.54 -4.01 8.47
CA TRP B 76 -16.08 -5.27 9.07
C TRP B 76 -15.16 -5.04 10.30
N MET B 77 -14.27 -4.06 10.22
CA MET B 77 -13.38 -3.75 11.32
C MET B 77 -14.15 -3.30 12.57
N GLY B 78 -15.04 -2.34 12.39
CA GLY B 78 -15.78 -1.78 13.50
C GLY B 78 -16.61 -2.82 14.20
N LEU B 79 -17.17 -3.73 13.43
CA LEU B 79 -18.06 -4.74 13.98
C LEU B 79 -17.28 -5.74 14.80
N MET B 80 -16.06 -6.01 14.39
CA MET B 80 -15.28 -6.99 15.11
C MET B 80 -14.77 -6.35 16.39
N ALA B 81 -14.39 -5.09 16.27
CA ALA B 81 -13.81 -4.36 17.37
C ALA B 81 -14.87 -4.08 18.42
N PHE B 82 -16.05 -3.71 17.95
CA PHE B 82 -17.19 -3.45 18.83
C PHE B 82 -17.56 -4.71 19.59
N ALA B 83 -17.86 -5.78 18.87
CA ALA B 83 -18.10 -7.10 19.48
C ALA B 83 -16.96 -7.56 20.40
N MET B 84 -15.72 -7.28 20.05
CA MET B 84 -14.64 -7.68 20.92
C MET B 84 -14.70 -6.96 22.26
N GLY B 85 -15.03 -5.66 22.21
CA GLY B 85 -15.17 -4.85 23.41
C GLY B 85 -16.33 -5.29 24.32
N TRP B 86 -17.36 -5.83 23.71
CA TRP B 86 -18.44 -6.39 24.47
C TRP B 86 -18.04 -7.72 25.13
N ARG B 87 -17.26 -8.55 24.46
CA ARG B 87 -16.71 -9.75 25.11
C ARG B 87 -15.78 -9.35 26.23
N SER B 88 -14.89 -8.40 25.96
CA SER B 88 -13.99 -7.90 26.98
C SER B 88 -14.75 -7.45 28.19
N TYR B 89 -15.94 -6.91 27.99
CA TYR B 89 -16.80 -6.47 29.10
C TYR B 89 -17.46 -7.63 29.89
N LYS B 90 -18.12 -8.55 29.20
CA LYS B 90 -18.78 -9.66 29.89
C LYS B 90 -17.79 -10.60 30.58
N HIS B 91 -16.69 -10.92 29.92
CA HIS B 91 -15.73 -11.84 30.52
C HIS B 91 -14.64 -11.24 31.41
N THR B 92 -14.04 -10.14 30.98
CA THR B 92 -12.97 -9.54 31.78
C THR B 92 -13.31 -8.25 32.51
N ASN B 93 -14.55 -7.78 32.38
CA ASN B 93 -14.98 -6.53 33.01
C ASN B 93 -14.17 -5.34 32.52
N GLY B 94 -13.80 -5.38 31.25
CA GLY B 94 -13.05 -4.31 30.62
C GLY B 94 -11.59 -4.29 31.01
N GLN B 95 -11.16 -5.27 31.80
CA GLN B 95 -9.77 -5.40 32.24
C GLN B 95 -8.81 -5.85 31.14
N MET B 96 -9.29 -6.76 30.28
CA MET B 96 -8.47 -7.37 29.24
C MET B 96 -9.15 -7.34 27.88
N LEU B 97 -8.40 -7.65 26.83
CA LEU B 97 -8.99 -7.65 25.50
C LEU B 97 -9.27 -9.07 25.13
N TYR B 98 -10.54 -9.43 25.10
CA TYR B 98 -10.92 -10.81 24.96
C TYR B 98 -11.27 -11.00 23.50
N PHE B 99 -10.30 -11.46 22.72
CA PHE B 99 -10.49 -11.57 21.29
C PHE B 99 -11.22 -12.86 21.02
N ALA B 100 -10.76 -13.89 21.71
CA ALA B 100 -11.32 -15.22 21.63
C ALA B 100 -11.06 -15.77 23.01
N PRO B 101 -11.85 -16.77 23.43
CA PRO B 101 -11.70 -17.35 24.77
C PRO B 101 -10.26 -17.82 24.96
N ASP B 102 -9.69 -18.34 23.87
CA ASP B 102 -8.33 -18.86 23.87
C ASP B 102 -7.21 -17.85 23.52
N LEU B 103 -7.56 -16.67 23.06
CA LEU B 103 -6.55 -15.63 22.92
C LEU B 103 -7.00 -14.34 23.60
N ILE B 104 -6.41 -14.03 24.75
CA ILE B 104 -6.87 -12.90 25.51
C ILE B 104 -5.69 -12.04 25.82
N PHE B 105 -5.80 -10.74 25.57
CA PHE B 105 -4.66 -9.87 25.77
C PHE B 105 -4.63 -9.29 27.17
N ASN B 106 -3.66 -9.73 27.95
CA ASN B 106 -3.37 -9.09 29.22
C ASN B 106 -2.50 -7.86 28.95
N GLU B 107 -2.00 -7.24 30.00
CA GLU B 107 -1.08 -6.12 29.85
C GLU B 107 0.12 -6.46 28.94
N GLN B 108 0.83 -7.54 29.30
CA GLN B 108 2.04 -7.94 28.60
C GLN B 108 1.83 -8.03 27.09
N ARG B 109 0.77 -8.71 26.69
CA ARG B 109 0.47 -8.91 25.28
C ARG B 109 0.16 -7.59 24.56
N MET B 110 -0.41 -6.62 25.27
CA MET B 110 -0.75 -5.35 24.65
C MET B 110 0.53 -4.58 24.36
N GLN B 111 1.52 -4.73 25.24
CA GLN B 111 2.81 -4.10 25.02
C GLN B 111 3.57 -4.79 23.88
N GLN B 112 3.63 -6.12 23.91
CA GLN B 112 4.22 -6.90 22.83
C GLN B 112 3.54 -6.80 21.45
N SER B 113 2.28 -6.40 21.40
CA SER B 113 1.58 -6.34 20.12
C SER B 113 2.17 -5.28 19.22
N ALA B 114 2.82 -4.30 19.83
CA ALA B 114 3.24 -3.07 19.15
C ALA B 114 2.03 -2.35 18.58
N MET B 115 0.88 -2.73 19.10
CA MET B 115 -0.40 -2.06 18.89
C MET B 115 -0.85 -1.27 20.12
N TYR B 116 0.03 -1.17 21.10
CA TYR B 116 -0.35 -0.86 22.48
C TYR B 116 -1.34 0.29 22.66
N ASP B 117 -1.04 1.44 22.08
CA ASP B 117 -1.93 2.59 22.22
C ASP B 117 -3.30 2.31 21.58
N LEU B 118 -3.28 1.51 20.51
CA LEU B 118 -4.52 1.06 19.89
C LEU B 118 -5.24 0.06 20.79
N CYS B 119 -4.50 -0.70 21.57
CA CYS B 119 -5.12 -1.65 22.49
C CYS B 119 -5.80 -0.91 23.61
N GLN B 120 -5.11 0.06 24.18
CA GLN B 120 -5.72 0.94 25.18
C GLN B 120 -7.05 1.48 24.67
N GLY B 121 -7.02 2.08 23.49
CA GLY B 121 -8.21 2.63 22.86
C GLY B 121 -9.36 1.65 22.76
N MET B 122 -9.06 0.42 22.35
CA MET B 122 -10.07 -0.63 22.31
C MET B 122 -10.57 -0.93 23.71
N GLN B 123 -9.63 -0.99 24.65
CA GLN B 123 -9.99 -1.22 26.05
C GLN B 123 -10.95 -0.16 26.59
N GLN B 124 -10.72 1.10 26.21
CA GLN B 124 -11.60 2.18 26.65
C GLN B 124 -13.00 1.97 26.11
N ILE B 125 -13.10 1.40 24.92
CA ILE B 125 -14.43 1.09 24.41
C ILE B 125 -15.10 0.07 25.33
N SER B 126 -14.33 -0.92 25.75
CA SER B 126 -14.83 -1.96 26.65
C SER B 126 -15.25 -1.40 28.01
N GLN B 127 -14.40 -0.55 28.58
CA GLN B 127 -14.67 0.10 29.87
C GLN B 127 -15.92 1.00 29.82
N GLU B 128 -16.09 1.67 28.70
CA GLU B 128 -17.31 2.39 28.44
C GLU B 128 -18.55 1.49 28.56
N PHE B 129 -18.42 0.25 28.10
CA PHE B 129 -19.49 -0.75 28.18
C PHE B 129 -19.81 -1.02 29.63
N VAL B 130 -18.76 -1.08 30.45
CA VAL B 130 -18.93 -1.39 31.86
C VAL B 130 -19.44 -0.16 32.61
N ARG B 131 -19.01 1.02 32.19
CA ARG B 131 -19.51 2.25 32.76
C ARG B 131 -21.02 2.45 32.53
N LEU B 132 -21.48 2.19 31.32
CA LEU B 132 -22.89 2.35 30.99
C LEU B 132 -23.76 1.14 31.31
N GLN B 133 -23.10 0.05 31.71
CA GLN B 133 -23.78 -1.23 31.95
C GLN B 133 -24.70 -1.60 30.81
N VAL B 134 -24.18 -1.56 29.59
CA VAL B 134 -24.97 -1.88 28.40
C VAL B 134 -25.66 -3.23 28.51
N THR B 135 -26.96 -3.25 28.22
CA THR B 135 -27.72 -4.46 28.19
C THR B 135 -27.50 -5.17 26.89
N GLN B 136 -27.72 -6.48 26.89
CA GLN B 136 -27.43 -7.31 25.74
C GLN B 136 -28.23 -6.82 24.57
N GLU B 137 -29.46 -6.40 24.84
CA GLU B 137 -30.34 -5.86 23.81
C GLU B 137 -29.77 -4.56 23.23
N GLU B 138 -29.37 -3.66 24.10
CA GLU B 138 -28.80 -2.44 23.61
C GLU B 138 -27.64 -2.81 22.67
N PHE B 139 -26.76 -3.68 23.15
CA PHE B 139 -25.60 -4.08 22.38
C PHE B 139 -25.96 -4.57 20.98
N LEU B 140 -26.92 -5.48 20.90
CA LEU B 140 -27.28 -6.11 19.63
C LEU B 140 -27.83 -5.14 18.59
N CYS B 141 -28.64 -4.20 19.05
CA CYS B 141 -29.11 -3.09 18.22
C CYS B 141 -27.95 -2.21 17.79
N MET B 142 -27.14 -1.76 18.74
CA MET B 142 -25.97 -0.96 18.39
C MET B 142 -25.14 -1.62 17.31
N LYS B 143 -24.91 -2.93 17.44
CA LYS B 143 -24.04 -3.64 16.52
C LYS B 143 -24.63 -3.65 15.11
N ALA B 144 -25.95 -3.72 15.04
CA ALA B 144 -26.61 -3.64 13.76
C ALA B 144 -26.37 -2.26 13.14
N LEU B 145 -26.64 -1.20 13.90
CA LEU B 145 -26.44 0.15 13.41
C LEU B 145 -25.02 0.39 12.93
N LEU B 146 -24.04 -0.17 13.63
CA LEU B 146 -22.65 -0.07 13.25
C LEU B 146 -22.46 -0.50 11.80
N LEU B 147 -23.04 -1.63 11.45
CA LEU B 147 -23.06 -2.10 10.07
C LEU B 147 -23.53 -0.99 9.15
N LEU B 148 -24.58 -0.31 9.56
CA LEU B 148 -25.23 0.72 8.75
C LEU B 148 -24.66 2.13 8.95
N SER B 149 -23.56 2.26 9.68
CA SER B 149 -23.01 3.57 10.03
C SER B 149 -21.87 4.13 9.18
N THR B 150 -21.41 3.36 8.18
CA THR B 150 -20.42 3.89 7.24
C THR B 150 -20.78 3.52 5.81
N VAL B 151 -20.90 4.54 4.97
CA VAL B 151 -21.56 4.41 3.67
C VAL B 151 -20.81 5.16 2.55
N PRO B 152 -21.02 4.74 1.28
CA PRO B 152 -20.36 5.37 0.13
C PRO B 152 -20.67 6.87 0.06
N LYS B 153 -19.64 7.70 -0.05
CA LYS B 153 -19.81 9.15 0.00
C LYS B 153 -20.86 9.62 -0.99
N GLU B 154 -21.03 8.83 -2.05
CA GLU B 154 -21.98 9.09 -3.13
C GLU B 154 -23.33 8.39 -2.96
N GLY B 155 -23.57 7.79 -1.80
CA GLY B 155 -24.85 7.14 -1.54
C GLY B 155 -24.98 5.79 -2.22
N LEU B 156 -26.01 5.02 -1.87
CA LEU B 156 -26.12 3.65 -2.39
C LEU B 156 -27.18 3.51 -3.48
N LYS B 157 -27.25 2.32 -4.07
CA LYS B 157 -28.24 2.02 -5.08
C LYS B 157 -29.59 1.81 -4.41
N SER B 158 -29.53 1.11 -3.28
CA SER B 158 -30.71 0.72 -2.54
C SER B 158 -31.12 1.78 -1.52
N GLN B 159 -30.50 2.95 -1.59
CA GLN B 159 -30.67 3.97 -0.57
C GLN B 159 -32.14 4.03 -0.17
N ALA B 160 -33.00 3.71 -1.12
CA ALA B 160 -34.41 3.52 -0.83
C ALA B 160 -34.54 2.63 0.41
N SER B 161 -34.19 1.36 0.25
CA SER B 161 -34.26 0.38 1.34
C SER B 161 -33.41 0.74 2.56
N PHE B 162 -32.21 1.27 2.31
CA PHE B 162 -31.25 1.56 3.38
C PHE B 162 -31.75 2.55 4.43
N ASP B 163 -32.19 3.72 3.99
CA ASP B 163 -32.65 4.74 4.94
C ASP B 163 -33.76 4.18 5.81
N GLU B 164 -34.58 3.30 5.24
CA GLU B 164 -35.64 2.67 6.00
C GLU B 164 -35.06 1.77 7.08
N MET B 165 -34.25 0.81 6.66
CA MET B 165 -33.60 -0.13 7.56
C MET B 165 -32.91 0.63 8.70
N ARG B 166 -32.05 1.57 8.35
CA ARG B 166 -31.33 2.32 9.36
C ARG B 166 -32.30 2.92 10.38
N MET B 167 -33.43 3.40 9.90
CA MET B 167 -34.40 4.02 10.80
C MET B 167 -34.92 3.00 11.79
N ASN B 168 -35.40 1.87 11.29
CA ASN B 168 -35.89 0.79 12.15
C ASN B 168 -34.91 0.42 13.25
N TYR B 169 -33.65 0.22 12.89
CA TYR B 169 -32.68 -0.22 13.87
C TYR B 169 -32.43 0.86 14.90
N ILE B 170 -32.67 2.11 14.51
CA ILE B 170 -32.67 3.22 15.45
C ILE B 170 -33.91 3.16 16.33
N LYS B 171 -35.03 2.89 15.70
CA LYS B 171 -36.30 2.74 16.39
C LYS B 171 -36.18 1.59 17.39
N GLU B 172 -35.69 0.46 16.90
CA GLU B 172 -35.60 -0.75 17.71
C GLU B 172 -34.61 -0.54 18.85
N LEU B 173 -33.57 0.25 18.60
CA LEU B 173 -32.69 0.65 19.69
C LEU B 173 -33.47 1.43 20.74
N ASN B 174 -34.35 2.32 20.32
CA ASN B 174 -35.18 3.01 21.28
C ASN B 174 -36.08 2.08 22.05
N ARG B 175 -36.68 1.14 21.34
CA ARG B 175 -37.53 0.16 21.97
C ARG B 175 -36.81 -0.53 23.14
N ALA B 176 -35.48 -0.66 23.02
CA ALA B 176 -34.65 -1.33 24.01
C ALA B 176 -34.26 -0.48 25.22
N ILE B 177 -33.93 0.78 24.97
CA ILE B 177 -33.65 1.76 26.02
C ILE B 177 -34.90 2.04 26.83
N ALA B 178 -36.03 2.01 26.15
CA ALA B 178 -37.29 2.32 26.77
C ALA B 178 -37.73 1.20 27.70
N LYS B 179 -37.68 -0.02 27.20
CA LYS B 179 -38.22 -1.16 27.96
C LYS B 179 -37.59 -1.27 29.36
N LYS B 180 -36.26 -1.40 29.41
CA LYS B 180 -35.58 -1.59 30.68
C LYS B 180 -35.96 -0.46 31.65
N GLU B 181 -35.67 0.76 31.23
CA GLU B 181 -35.89 1.93 32.04
C GLU B 181 -37.37 2.37 31.94
N ASN B 182 -37.69 3.50 32.56
CA ASN B 182 -39.04 4.02 32.51
C ASN B 182 -39.13 5.52 32.15
N ASN B 183 -38.56 6.38 32.99
CA ASN B 183 -38.61 7.84 32.81
C ASN B 183 -37.86 8.43 31.58
N SER B 184 -38.50 9.39 30.91
CA SER B 184 -38.02 9.94 29.63
C SER B 184 -36.75 10.75 29.74
N ALA B 185 -36.56 11.41 30.87
CA ALA B 185 -35.34 12.18 31.07
C ALA B 185 -34.21 11.20 30.92
N GLN B 186 -34.46 10.03 31.49
CA GLN B 186 -33.50 8.94 31.51
C GLN B 186 -33.33 8.37 30.11
N ASN B 187 -34.43 7.95 29.48
CA ASN B 187 -34.39 7.47 28.09
C ASN B 187 -33.58 8.43 27.22
N TRP B 188 -33.88 9.72 27.35
CA TRP B 188 -33.24 10.76 26.56
C TRP B 188 -31.72 10.77 26.72
N GLN B 189 -31.24 10.56 27.94
CA GLN B 189 -29.80 10.54 28.17
C GLN B 189 -29.15 9.20 27.84
N ARG B 190 -29.86 8.11 28.05
CA ARG B 190 -29.36 6.80 27.68
C ARG B 190 -29.01 6.91 26.22
N PHE B 191 -30.02 7.25 25.43
CA PHE B 191 -29.88 7.38 24.00
C PHE B 191 -28.67 8.21 23.62
N TYR B 192 -28.35 9.22 24.42
CA TYR B 192 -27.21 10.04 24.11
C TYR B 192 -25.92 9.23 24.26
N GLN B 193 -25.74 8.71 25.47
CA GLN B 193 -24.54 7.98 25.84
C GLN B 193 -24.29 6.79 24.92
N LEU B 194 -25.36 6.08 24.56
CA LEU B 194 -25.20 4.96 23.66
C LEU B 194 -24.77 5.42 22.28
N THR B 195 -25.53 6.33 21.68
CA THR B 195 -25.27 6.75 20.31
C THR B 195 -23.95 7.46 20.30
N LYS B 196 -23.64 8.13 21.38
CA LYS B 196 -22.36 8.80 21.45
C LYS B 196 -21.23 7.78 21.51
N LEU B 197 -21.50 6.62 22.11
CA LEU B 197 -20.59 5.47 22.04
C LEU B 197 -20.40 4.92 20.60
N LEU B 198 -21.49 4.73 19.87
CA LEU B 198 -21.40 4.35 18.48
C LEU B 198 -20.56 5.33 17.69
N ASP B 199 -20.85 6.62 17.85
CA ASP B 199 -20.13 7.64 17.12
C ASP B 199 -18.64 7.49 17.40
N SER B 200 -18.31 7.31 18.67
CA SER B 200 -16.92 7.20 19.11
C SER B 200 -16.17 6.06 18.41
N MET B 201 -16.93 5.11 17.91
CA MET B 201 -16.33 3.96 17.27
C MET B 201 -15.57 4.36 16.00
N HIS B 202 -16.08 5.37 15.31
CA HIS B 202 -15.53 5.82 14.03
C HIS B 202 -14.10 6.26 14.13
N ASP B 203 -13.79 7.08 15.12
CA ASP B 203 -12.41 7.56 15.28
C ASP B 203 -11.50 6.40 15.55
N LEU B 204 -11.91 5.53 16.47
CA LEU B 204 -11.17 4.33 16.78
C LEU B 204 -10.88 3.46 15.55
N VAL B 205 -11.93 3.13 14.81
CA VAL B 205 -11.77 2.29 13.63
C VAL B 205 -10.77 2.90 12.65
N GLY B 206 -10.85 4.22 12.47
CA GLY B 206 -9.89 4.90 11.62
C GLY B 206 -8.48 4.52 12.02
N GLY B 207 -8.19 4.66 13.31
CA GLY B 207 -6.88 4.31 13.84
C GLY B 207 -6.53 2.86 13.58
N LEU B 208 -7.48 1.97 13.85
CA LEU B 208 -7.28 0.53 13.66
C LEU B 208 -6.94 0.23 12.21
N LEU B 209 -7.80 0.71 11.32
CA LEU B 209 -7.58 0.64 9.87
C LEU B 209 -6.21 1.18 9.45
N GLN B 210 -5.89 2.38 9.92
CA GLN B 210 -4.61 2.98 9.59
C GLN B 210 -3.47 2.00 9.80
N PHE B 211 -3.50 1.26 10.91
CA PHE B 211 -2.42 0.34 11.25
C PHE B 211 -2.56 -0.93 10.46
N CYS B 212 -3.81 -1.30 10.20
CA CYS B 212 -4.09 -2.51 9.47
C CYS B 212 -3.49 -2.40 8.09
N PHE B 213 -3.88 -1.32 7.42
CA PHE B 213 -3.34 -0.97 6.12
C PHE B 213 -1.83 -1.00 6.12
N TYR B 214 -1.24 -0.31 7.10
CA TYR B 214 0.19 -0.31 7.24
C TYR B 214 0.73 -1.74 7.32
N THR B 215 0.30 -2.51 8.30
CA THR B 215 0.81 -3.86 8.45
C THR B 215 0.72 -4.63 7.15
N PHE B 216 -0.33 -4.33 6.39
CA PHE B 216 -0.68 -5.08 5.19
C PHE B 216 0.29 -4.83 4.04
N VAL B 217 0.47 -3.55 3.73
CA VAL B 217 1.39 -3.07 2.72
C VAL B 217 2.81 -3.53 3.02
N GLN B 218 3.19 -3.43 4.29
CA GLN B 218 4.54 -3.75 4.75
C GLN B 218 4.62 -5.17 5.25
N SER B 219 3.57 -5.95 5.03
CA SER B 219 3.48 -7.30 5.57
C SER B 219 4.77 -8.07 5.33
N GLN B 220 5.37 -7.83 4.15
CA GLN B 220 6.67 -8.40 3.76
C GLN B 220 7.81 -8.02 4.71
N ALA B 221 8.01 -6.72 4.85
CA ALA B 221 9.02 -6.18 5.75
C ALA B 221 8.71 -6.61 7.19
N LEU B 222 7.51 -6.32 7.65
CA LEU B 222 7.15 -6.55 9.05
C LEU B 222 7.07 -8.04 9.36
N SER B 223 6.82 -8.84 8.34
CA SER B 223 6.78 -10.32 8.47
C SER B 223 5.60 -10.87 9.30
N VAL B 224 4.45 -10.23 9.09
CA VAL B 224 3.16 -10.67 9.61
C VAL B 224 2.32 -11.23 8.45
N GLU B 225 1.48 -12.23 8.71
CA GLU B 225 0.65 -12.80 7.63
C GLU B 225 -0.86 -12.54 7.69
N PHE B 226 -1.36 -11.90 6.62
CA PHE B 226 -2.79 -11.76 6.38
C PHE B 226 -3.34 -12.92 5.52
N PRO B 227 -4.22 -13.77 6.07
CA PRO B 227 -4.65 -14.92 5.26
C PRO B 227 -5.53 -14.56 4.06
N GLU B 228 -5.70 -15.54 3.18
CA GLU B 228 -6.25 -15.35 1.84
C GLU B 228 -7.46 -14.43 1.79
N MET B 229 -8.51 -14.88 2.46
CA MET B 229 -9.79 -14.21 2.50
C MET B 229 -9.66 -12.82 3.08
N LEU B 230 -8.78 -12.68 4.05
CA LEU B 230 -8.58 -11.40 4.70
C LEU B 230 -7.96 -10.41 3.72
N VAL B 231 -6.97 -10.85 2.97
CA VAL B 231 -6.36 -9.95 2.02
C VAL B 231 -7.43 -9.37 1.11
N GLU B 232 -8.21 -10.24 0.49
CA GLU B 232 -9.17 -9.83 -0.53
C GLU B 232 -9.95 -8.64 -0.06
N ILE B 233 -10.48 -8.77 1.15
CA ILE B 233 -11.34 -7.74 1.72
C ILE B 233 -10.56 -6.44 1.88
N ILE B 234 -9.35 -6.54 2.40
CA ILE B 234 -8.53 -5.36 2.62
C ILE B 234 -8.24 -4.73 1.28
N SER B 235 -7.81 -5.57 0.34
CA SER B 235 -7.49 -5.15 -1.00
C SER B 235 -8.60 -4.31 -1.63
N ALA B 236 -9.84 -4.78 -1.52
CA ALA B 236 -10.99 -4.04 -2.05
C ALA B 236 -11.29 -2.74 -1.29
N GLN B 237 -11.14 -2.79 0.02
CA GLN B 237 -11.48 -1.69 0.90
C GLN B 237 -10.45 -0.57 0.83
N LEU B 238 -9.18 -0.96 0.89
CA LEU B 238 -8.04 -0.04 1.01
C LEU B 238 -8.12 1.16 0.04
N PRO B 239 -8.22 0.87 -1.27
CA PRO B 239 -8.37 1.89 -2.30
C PRO B 239 -9.59 2.81 -2.11
N LYS B 240 -10.75 2.23 -1.80
CA LYS B 240 -11.99 3.02 -1.70
C LYS B 240 -11.90 4.03 -0.58
N VAL B 241 -11.31 3.60 0.53
CA VAL B 241 -11.25 4.42 1.72
C VAL B 241 -10.14 5.46 1.60
N LEU B 242 -9.05 5.10 0.92
CA LEU B 242 -8.00 6.07 0.61
C LEU B 242 -8.48 7.06 -0.43
N ALA B 243 -9.27 6.58 -1.39
CA ALA B 243 -10.02 7.47 -2.26
C ALA B 243 -10.94 8.37 -1.44
N GLY B 244 -11.39 7.90 -0.28
CA GLY B 244 -12.28 8.66 0.57
C GLY B 244 -13.74 8.58 0.15
N MET B 245 -14.15 7.42 -0.36
CA MET B 245 -15.55 7.24 -0.74
C MET B 245 -16.37 6.75 0.43
N ALA B 246 -15.76 6.65 1.61
CA ALA B 246 -16.42 6.09 2.80
C ALA B 246 -16.83 7.16 3.81
N LYS B 247 -18.15 7.32 4.01
CA LYS B 247 -18.70 8.36 4.87
C LYS B 247 -19.28 7.83 6.20
N PRO B 248 -18.62 8.14 7.33
CA PRO B 248 -19.23 7.80 8.62
C PRO B 248 -20.50 8.60 8.88
N LEU B 249 -21.58 7.94 9.31
CA LEU B 249 -22.81 8.64 9.69
C LEU B 249 -22.84 8.88 11.19
N LEU B 250 -22.72 10.13 11.63
CA LEU B 250 -22.69 10.37 13.08
C LEU B 250 -24.05 10.73 13.64
N PHE B 251 -24.13 10.75 14.97
CA PHE B 251 -25.32 11.21 15.65
C PHE B 251 -25.13 12.58 16.26
N HIS B 252 -23.89 13.09 16.22
CA HIS B 252 -23.52 14.25 17.04
C HIS B 252 -22.25 14.94 16.51
C1 STR C . 15.16 -4.68 -13.16
C2 STR C . 16.01 -5.12 -14.30
C3 STR C . 16.33 -4.05 -15.30
O3 STR C . 17.37 -4.09 -15.97
C4 STR C . 15.35 -2.94 -15.47
C5 STR C . 14.03 -3.12 -14.80
C6 STR C . 12.92 -2.12 -14.98
C7 STR C . 11.58 -2.77 -14.79
C8 STR C . 11.48 -3.60 -13.49
C9 STR C . 12.66 -4.55 -13.31
C10 STR C . 13.98 -3.79 -13.47
C11 STR C . 12.54 -5.34 -11.99
C12 STR C . 11.19 -6.02 -11.82
C13 STR C . 9.97 -5.08 -12.07
C14 STR C . 10.09 -4.31 -13.34
C15 STR C . 8.85 -3.45 -13.44
C16 STR C . 7.83 -4.11 -12.54
C17 STR C . 8.51 -5.42 -12.01
C18 STR C . 10.18 -4.25 -10.89
C19 STR C . 14.15 -2.75 -12.38
C20 STR C . 7.87 -5.95 -10.67
O20 STR C . 7.33 -5.16 -9.93
C21 STR C . 7.92 -7.44 -10.30
C1 GOL D . 24.96 25.56 -23.93
O1 GOL D . 24.43 25.33 -25.22
C2 GOL D . 23.85 25.86 -22.93
O2 GOL D . 24.31 25.64 -21.60
C3 GOL D . 23.32 27.29 -23.09
O3 GOL D . 22.32 27.61 -22.15
C1 GOL E . 14.34 23.63 -33.46
O1 GOL E . 15.30 23.87 -34.50
C2 GOL E . 13.57 22.27 -33.57
O2 GOL E . 14.40 21.12 -33.49
C3 GOL E . 12.43 22.17 -32.55
O3 GOL E . 12.84 22.65 -31.30
O1 MES F . 21.78 -2.15 0.94
C2 MES F . 22.44 -0.94 0.53
C3 MES F . 21.51 -0.08 -0.32
N4 MES F . 20.31 0.13 0.48
C5 MES F . 19.69 -0.96 1.23
C6 MES F . 20.38 -2.21 0.69
C7 MES F . 19.78 1.47 0.58
C8 MES F . 18.27 1.32 0.64
S MES F . 17.79 1.69 2.18
O1S MES F . 17.43 0.44 2.92
O2S MES F . 18.93 2.35 2.85
O3S MES F . 16.62 2.60 2.18
C1 CPS G . -4.65 4.10 -3.62
C2 CPS G . -3.79 3.41 -4.70
C3 CPS G . -3.01 1.88 -2.71
C4 CPS G . -2.22 0.62 -2.40
C5 CPS G . -2.06 -0.28 -3.63
C6 CPS G . -1.26 0.52 -4.64
C7 CPS G . -0.75 -0.42 -5.69
C8 CPS G . -1.38 -1.75 -5.34
C9 CPS G . -1.68 -1.69 -3.80
C10 CPS G . -3.47 -0.31 -3.92
C11 CPS G . -4.80 2.46 -5.23
C12 CPS G . -4.36 5.55 -3.38
C13 CPS G . -4.16 6.30 -4.71
C14 CPS G . -2.98 5.72 -5.44
C15 CPS G . -3.32 4.30 -5.87
C16 CPS G . -2.21 3.72 -6.73
C17 CPS G . -1.30 2.64 -6.05
C18 CPS G . -2.10 1.75 -5.11
C19 CPS G . -2.60 2.63 -4.02
C20 CPS G . -2.71 -2.84 -3.42
O2 CPS G . -4.10 7.73 -4.60
O3 CPS G . -0.32 3.20 -5.26
O4 CPS G . -0.95 0.95 -2.00
S SO4 H . 28.73 4.72 -29.61
O1 SO4 H . 29.31 5.72 -28.71
O2 SO4 H . 27.26 4.67 -29.49
O3 SO4 H . 29.11 5.12 -30.99
O4 SO4 H . 29.26 3.39 -29.28
C1 STR I . -9.74 -9.39 14.90
C2 STR I . -10.34 -10.02 16.11
C3 STR I . -11.41 -9.23 16.80
O3 STR I . -12.31 -9.80 17.42
C4 STR I . -11.38 -7.74 16.73
C5 STR I . -10.24 -7.12 15.97
C6 STR I . -10.10 -5.61 15.79
C7 STR I . -8.67 -5.17 15.58
C8 STR I . -7.87 -6.08 14.62
C9 STR I . -8.05 -7.57 14.93
C10 STR I . -9.54 -7.89 14.90
C11 STR I . -7.17 -8.49 14.04
C12 STR I . -5.73 -8.05 13.96
C13 STR I . -5.54 -6.53 13.62
C14 STR I . -6.36 -5.66 14.52
C15 STR I . -6.05 -4.23 14.14
C16 STR I . -4.73 -4.26 13.41
C17 STR I . -4.26 -5.75 13.43
C18 STR I . -6.13 -6.64 12.29
C19 STR I . -10.16 -7.50 13.57
C20 STR I . -3.26 -6.08 12.26
O20 STR I . -3.02 -5.25 11.41
C21 STR I . -2.55 -7.42 12.20
O1 MES J . -15.90 -14.58 1.76
C2 MES J . -14.81 -14.29 0.90
C3 MES J . -14.41 -12.82 1.03
N4 MES J . -15.62 -12.08 1.38
C5 MES J . -16.91 -12.53 0.88
C6 MES J . -17.14 -13.94 1.41
C7 MES J . -15.44 -10.66 1.61
C8 MES J . -14.29 -10.25 0.71
S MES J . -14.85 -9.83 -0.80
O1S MES J . -14.91 -8.34 -0.99
O2S MES J . -13.96 -10.39 -1.85
O3S MES J . -16.22 -10.39 -0.92
C1 CPS K . 1.48 3.45 2.42
C2 CPS K . 0.10 3.80 3.01
C3 CPS K . 0.50 6.24 2.09
C4 CPS K . 0.31 7.73 2.32
C5 CPS K . -1.11 8.11 2.76
C6 CPS K . -1.58 7.27 3.94
C7 CPS K . -2.96 7.79 4.31
C8 CPS K . -3.04 9.21 3.76
C9 CPS K . -1.68 9.48 3.00
C10 CPS K . -1.72 7.69 1.53
C11 CPS K . -0.76 3.43 1.88
C12 CPS K . 2.54 3.36 3.47
C13 CPS K . 2.14 2.36 4.58
C14 CPS K . 0.84 2.77 5.23
C15 CPS K . -0.27 2.92 4.21
C16 CPS K . -1.57 3.36 4.87
C17 CPS K . -1.71 4.91 5.05
C18 CPS K . -1.37 5.71 3.76
C19 CPS K . 0.01 5.35 3.30
C20 CPS K . -1.89 10.53 1.83
C21 CPS K . -0.56 11.17 1.41
C22 CPS K . -2.90 11.62 2.08
O2 CPS K . 3.15 2.17 5.56
O3 CPS K . -0.93 5.35 6.09
O4 CPS K . 1.23 8.21 3.24
#